data_5YIE
#
_entry.id   5YIE
#
_cell.length_a   106.600
_cell.length_b   106.600
_cell.length_c   72.200
_cell.angle_alpha   90.00
_cell.angle_beta   90.00
_cell.angle_gamma   90.00
#
_symmetry.space_group_name_H-M   'I 4'
#
loop_
_entity.id
_entity.type
_entity.pdbx_description
1 polymer 'Plasmepsin II'
2 non-polymer 3-[(3-CHOLAMIDOPROPYL)DIMETHYLAMMONIO]-1-PROPANESULFONATE
3 non-polymer (4R)-3-[(2S,3S)-3-[2-[4-[2-azanylethyl(ethyl)amino]-2,6-dimethyl-phenoxy]ethanoylamino]-2-oxidanyl-4-phenyl-butanoyl]-5,5-dimethyl-N-[(1S,2R)-2-oxidanyl-2,3-dihydro-1H-inden-1-yl]-1,3-thiazolidine-4-carboxamide
4 non-polymer 'SODIUM ION'
5 water water
#
_entity_poly.entity_id   1
_entity_poly.type   'polypeptide(L)'
_entity_poly.pdbx_seq_one_letter_code
;NDNIELVDFQNIMFYGDAEVGDNQQPFTFILDTGSANLWVPSVKCTTAGCLTKHLYDSSKSRTYEKDGTKVEMNYVSGTV
SGFFSKDLVTVGNLSLPYKFIEVIDTNGFEPTYTASTFDGILGLGWKDLSIGSVDPIVVELKNQNKIENALFTFYLPVHD
KHTGFLTIGGIEERFYEGPLTYEKLNHDLYWQITLDAHVGNIMLEKANCIVDSGTSAITVPTDFLNKMLQNLDVIKVPFL
PFYVTLCNNSKLPTFEFTSENGKYTLEPEYYLQHIEDVGPGLCMLNIIGLDFPVPTFILGDPFMRKYFTVFDYDNQSVGI
ALAKKNL
;
_entity_poly.pdbx_strand_id   A
#
loop_
_chem_comp.id
_chem_comp.type
_chem_comp.name
_chem_comp.formula
8VF non-polymer (4R)-3-[(2S,3S)-3-[2-[4-[2-azanylethyl(ethyl)amino]-2,6-dimethyl-phenoxy]ethanoylamino]-2-oxidanyl-4-phenyl-butanoyl]-5,5-dimethyl-N-[(1S,2R)-2-oxidanyl-2,3-dihydro-1H-inden-1-yl]-1,3-thiazolidine-4-carboxamide 'C39 H51 N5 O6 S'
CPS non-polymer 3-[(3-CHOLAMIDOPROPYL)DIMETHYLAMMONIO]-1-PROPANESULFONATE 'C32 H58 N2 O7 S'
NA non-polymer 'SODIUM ION' 'Na 1'
#
# COMPACT_ATOMS: atom_id res chain seq x y z
N ASN A 1 0.51 -2.44 -21.98
CA ASN A 1 0.59 -2.39 -20.49
C ASN A 1 1.77 -3.19 -20.01
N ASP A 2 2.62 -2.57 -19.18
CA ASP A 2 3.68 -3.32 -18.55
C ASP A 2 3.31 -3.58 -17.12
N ASN A 3 3.98 -4.57 -16.55
CA ASN A 3 3.76 -4.89 -15.20
C ASN A 3 4.92 -5.45 -14.46
N ILE A 4 4.81 -5.29 -13.15
CA ILE A 4 5.84 -5.53 -12.20
C ILE A 4 5.27 -6.62 -11.30
N GLU A 5 5.97 -7.75 -11.26
CA GLU A 5 5.59 -8.88 -10.43
C GLU A 5 5.72 -8.53 -8.95
N LEU A 6 4.73 -8.92 -8.15
CA LEU A 6 4.65 -8.57 -6.73
C LEU A 6 4.87 -9.83 -5.92
N VAL A 7 5.90 -9.80 -5.08
CA VAL A 7 6.24 -10.93 -4.20
C VAL A 7 5.74 -10.67 -2.78
N ASP A 8 5.22 -11.73 -2.17
CA ASP A 8 4.73 -11.75 -0.80
C ASP A 8 5.89 -11.80 0.20
N PHE A 9 5.72 -11.13 1.34
CA PHE A 9 6.63 -11.26 2.49
C PHE A 9 5.75 -11.46 3.72
N GLN A 10 5.77 -12.69 4.26
CA GLN A 10 5.13 -13.04 5.53
C GLN A 10 3.61 -12.84 5.53
N ASN A 11 2.98 -12.94 4.37
CA ASN A 11 1.53 -12.68 4.21
C ASN A 11 0.98 -11.37 4.85
N ILE A 12 1.86 -10.39 5.00
CA ILE A 12 1.53 -9.12 5.65
C ILE A 12 1.80 -7.94 4.71
N MET A 13 2.90 -8.01 3.96
CA MET A 13 3.17 -7.03 2.92
C MET A 13 3.66 -7.71 1.65
N PHE A 14 3.81 -6.89 0.62
CA PHE A 14 4.30 -7.32 -0.66
C PHE A 14 5.25 -6.24 -1.20
N TYR A 15 6.13 -6.65 -2.12
CA TYR A 15 7.15 -5.78 -2.70
C TYR A 15 7.20 -5.95 -4.20
N GLY A 16 7.76 -4.95 -4.88
CA GLY A 16 8.14 -5.04 -6.29
C GLY A 16 9.47 -4.33 -6.52
N ASP A 17 10.17 -4.76 -7.55
CA ASP A 17 11.46 -4.22 -7.90
C ASP A 17 11.31 -3.19 -8.99
N ALA A 18 12.12 -2.15 -8.90
CA ALA A 18 12.34 -1.20 -9.98
C ALA A 18 13.80 -0.73 -9.94
N GLU A 19 14.23 0.03 -10.95
CA GLU A 19 15.59 0.51 -11.07
C GLU A 19 15.67 2.04 -11.13
N VAL A 20 16.77 2.53 -10.57
CA VAL A 20 17.09 3.96 -10.49
C VAL A 20 18.55 4.06 -10.91
N GLY A 21 18.85 4.87 -11.93
CA GLY A 21 20.23 4.98 -12.44
C GLY A 21 20.47 4.25 -13.75
N ASP A 22 21.33 4.85 -14.59
CA ASP A 22 21.63 4.34 -15.95
C ASP A 22 22.47 3.06 -16.00
N ASN A 23 22.85 2.56 -14.82
CA ASN A 23 23.57 1.30 -14.73
C ASN A 23 22.72 0.19 -14.09
N GLN A 24 21.39 0.37 -14.08
CA GLN A 24 20.42 -0.68 -13.70
C GLN A 24 20.49 -1.07 -12.20
N GLN A 25 20.97 -0.15 -11.36
CA GLN A 25 21.03 -0.38 -9.88
C GLN A 25 19.61 -0.84 -9.39
N PRO A 26 19.44 -2.12 -8.94
CA PRO A 26 18.07 -2.63 -8.70
C PRO A 26 17.62 -2.57 -7.25
N PHE A 27 16.38 -2.12 -7.02
CA PHE A 27 15.87 -1.91 -5.68
C PHE A 27 14.53 -2.59 -5.47
N THR A 28 14.28 -3.00 -4.24
CA THR A 28 13.02 -3.57 -3.83
C THR A 28 12.20 -2.49 -3.14
N PHE A 29 10.97 -2.29 -3.62
CA PHE A 29 10.12 -1.21 -3.11
C PHE A 29 8.84 -1.72 -2.45
N ILE A 30 8.44 -1.06 -1.37
CA ILE A 30 7.02 -0.98 -1.00
C ILE A 30 6.34 -0.05 -2.01
N LEU A 31 5.25 -0.53 -2.59
CA LEU A 31 4.49 0.23 -3.57
C LEU A 31 3.24 0.79 -2.87
N ASP A 32 3.26 2.10 -2.63
CA ASP A 32 2.36 2.75 -1.67
C ASP A 32 1.43 3.76 -2.34
N THR A 33 0.18 3.39 -2.55
CA THR A 33 -0.81 4.33 -3.09
C THR A 33 -1.17 5.50 -2.16
N GLY A 34 -0.81 5.41 -0.88
CA GLY A 34 -1.06 6.48 0.08
C GLY A 34 0.10 7.45 0.25
N SER A 35 1.17 7.34 -0.53
CA SER A 35 2.19 8.42 -0.55
C SER A 35 2.60 8.75 -1.99
N ALA A 36 3.38 9.80 -2.19
CA ALA A 36 3.61 10.33 -3.57
C ALA A 36 5.04 10.72 -3.85
N ASN A 37 5.98 10.09 -3.14
CA ASN A 37 7.41 10.26 -3.33
C ASN A 37 8.06 8.88 -3.43
N LEU A 38 9.11 8.87 -4.23
CA LEU A 38 9.99 7.75 -4.44
C LEU A 38 11.27 8.02 -3.67
N TRP A 39 11.76 7.05 -2.92
CA TRP A 39 13.07 7.18 -2.30
C TRP A 39 13.84 5.88 -2.28
N VAL A 40 15.16 6.03 -2.34
CA VAL A 40 16.12 4.93 -2.23
C VAL A 40 17.19 5.34 -1.21
N PRO A 41 17.74 4.33 -0.49
CA PRO A 41 18.84 4.60 0.43
C PRO A 41 20.12 4.79 -0.32
N SER A 42 20.94 5.73 0.14
CA SER A 42 22.16 6.11 -0.55
C SER A 42 23.41 5.45 0.01
N VAL A 43 24.43 5.35 -0.84
CA VAL A 43 25.75 4.94 -0.39
C VAL A 43 26.28 5.91 0.67
N LYS A 44 25.74 7.14 0.68
CA LYS A 44 26.09 8.12 1.69
C LYS A 44 25.37 7.88 3.02
N CYS A 45 24.42 6.94 3.06
CA CYS A 45 23.71 6.59 4.28
C CYS A 45 24.65 6.00 5.31
N THR A 46 24.62 6.53 6.51
CA THR A 46 25.50 6.12 7.59
C THR A 46 24.71 5.51 8.76
N THR A 47 23.53 4.96 8.47
CA THR A 47 22.74 4.31 9.52
C THR A 47 22.79 2.82 9.42
N ALA A 48 22.56 2.19 10.58
CA ALA A 48 22.55 0.75 10.73
C ALA A 48 21.61 0.09 9.75
N GLY A 49 20.44 0.68 9.56
CA GLY A 49 19.45 0.14 8.65
C GLY A 49 19.94 -0.04 7.22
N CYS A 50 20.75 0.89 6.72
CA CYS A 50 21.26 0.89 5.32
C CYS A 50 22.23 -0.24 5.01
N LEU A 51 22.86 -0.74 6.07
CA LEU A 51 23.82 -1.87 6.06
C LEU A 51 23.39 -3.08 5.24
N THR A 52 22.12 -3.43 5.36
CA THR A 52 21.53 -4.62 4.75
C THR A 52 20.94 -4.35 3.35
N LYS A 53 20.97 -3.10 2.88
CA LYS A 53 20.17 -2.70 1.73
C LYS A 53 20.99 -2.50 0.45
N HIS A 54 20.28 -2.52 -0.68
CA HIS A 54 20.81 -2.09 -1.97
C HIS A 54 20.86 -0.57 -1.91
N LEU A 55 22.05 -0.02 -2.17
CA LEU A 55 22.28 1.41 -2.00
C LEU A 55 22.43 2.08 -3.35
N TYR A 56 21.97 3.33 -3.45
CA TYR A 56 22.10 4.10 -4.69
C TYR A 56 23.40 4.91 -4.70
N ASP A 57 24.15 4.77 -5.79
CA ASP A 57 25.43 5.45 -5.98
C ASP A 57 25.33 6.28 -7.25
N SER A 58 25.04 7.56 -7.05
CA SER A 58 24.96 8.53 -8.12
C SER A 58 26.25 8.75 -8.90
N SER A 59 27.42 8.51 -8.31
CA SER A 59 28.70 8.63 -9.03
C SER A 59 28.81 7.59 -10.17
N LYS A 60 28.22 6.42 -9.98
CA LYS A 60 28.19 5.40 -11.03
C LYS A 60 27.12 5.61 -12.09
N SER A 61 26.27 6.61 -11.92
CA SER A 61 25.21 6.89 -12.89
C SER A 61 25.55 8.12 -13.69
N ARG A 62 25.64 7.94 -15.01
CA ARG A 62 25.89 9.04 -15.95
C ARG A 62 24.65 9.87 -16.26
N THR A 63 23.44 9.34 -15.99
CA THR A 63 22.19 10.10 -16.16
C THR A 63 21.74 10.81 -14.85
N TYR A 64 22.55 10.74 -13.82
CA TYR A 64 22.30 11.46 -12.58
C TYR A 64 22.40 12.99 -12.71
N GLU A 65 21.34 13.72 -12.36
CA GLU A 65 21.41 15.18 -12.20
C GLU A 65 21.24 15.60 -10.74
N LYS A 66 22.22 16.31 -10.23
CA LYS A 66 22.23 16.77 -8.86
C LYS A 66 21.08 17.74 -8.59
N ASP A 67 20.35 17.54 -7.50
CA ASP A 67 19.42 18.55 -7.00
C ASP A 67 20.03 19.03 -5.66
N GLY A 68 20.05 18.16 -4.66
CA GLY A 68 20.66 18.46 -3.36
C GLY A 68 19.79 19.20 -2.36
N THR A 69 18.57 19.59 -2.75
CA THR A 69 17.58 20.16 -1.83
C THR A 69 17.24 19.18 -0.70
N LYS A 70 17.37 19.63 0.54
CA LYS A 70 17.19 18.76 1.69
C LYS A 70 15.74 18.51 1.94
N VAL A 71 15.46 17.30 2.42
CA VAL A 71 14.08 16.85 2.61
C VAL A 71 13.97 15.76 3.68
N GLU A 72 12.86 15.80 4.41
CA GLU A 72 12.49 14.83 5.43
C GLU A 72 11.12 14.27 5.02
N MET A 73 10.96 12.95 4.95
CA MET A 73 9.68 12.33 4.62
C MET A 73 9.14 11.80 5.92
N ASN A 74 7.99 12.31 6.36
CA ASN A 74 7.40 11.83 7.61
C ASN A 74 6.23 10.91 7.29
N TYR A 75 6.31 9.66 7.71
CA TYR A 75 5.19 8.73 7.65
C TYR A 75 4.64 8.47 9.04
N VAL A 76 3.47 7.81 9.12
CA VAL A 76 2.93 7.45 10.43
C VAL A 76 3.86 6.48 11.13
N SER A 77 4.57 5.62 10.38
CA SER A 77 5.46 4.62 10.96
C SER A 77 6.92 5.13 11.12
N GLY A 78 7.19 6.39 10.85
CA GLY A 78 8.52 6.98 11.07
C GLY A 78 9.00 7.91 9.97
N THR A 79 10.25 8.34 10.08
CA THR A 79 10.81 9.35 9.22
C THR A 79 12.12 8.92 8.59
N VAL A 80 12.30 9.28 7.31
CA VAL A 80 13.58 9.20 6.62
C VAL A 80 13.96 10.59 6.10
N SER A 81 15.25 10.84 5.95
CA SER A 81 15.68 12.13 5.42
C SER A 81 16.87 11.97 4.51
N GLY A 82 16.98 12.91 3.58
CA GLY A 82 18.20 13.11 2.80
C GLY A 82 17.99 14.32 1.95
N PHE A 83 18.05 14.11 0.64
CA PHE A 83 18.02 15.23 -0.33
C PHE A 83 17.53 14.71 -1.69
N PHE A 84 16.98 15.61 -2.50
CA PHE A 84 16.51 15.27 -3.83
C PHE A 84 17.65 15.03 -4.82
N SER A 85 17.42 14.11 -5.74
CA SER A 85 18.32 13.83 -6.82
C SER A 85 17.41 13.48 -7.98
N LYS A 86 17.93 13.57 -9.19
CA LYS A 86 17.21 13.16 -10.40
C LYS A 86 18.04 12.14 -11.16
N ASP A 87 17.37 11.13 -11.68
CA ASP A 87 18.01 10.10 -12.48
C ASP A 87 16.90 9.40 -13.27
N LEU A 88 17.28 8.48 -14.12
CA LEU A 88 16.34 7.70 -14.88
C LEU A 88 15.79 6.64 -13.97
N VAL A 89 14.47 6.52 -13.96
CA VAL A 89 13.79 5.52 -13.15
C VAL A 89 13.04 4.59 -14.07
N THR A 90 13.18 3.31 -13.83
CA THR A 90 12.64 2.30 -14.72
C THR A 90 11.67 1.41 -14.00
N VAL A 91 10.43 1.42 -14.47
CA VAL A 91 9.34 0.63 -13.92
C VAL A 91 8.81 -0.34 -15.01
N GLY A 92 8.98 -1.62 -14.73
CA GLY A 92 8.77 -2.66 -15.71
C GLY A 92 9.82 -2.45 -16.80
N ASN A 93 9.36 -2.22 -18.02
CA ASN A 93 10.22 -1.85 -19.13
C ASN A 93 10.04 -0.39 -19.57
N LEU A 94 9.30 0.40 -18.79
CA LEU A 94 9.12 1.83 -19.07
C LEU A 94 10.05 2.66 -18.21
N SER A 95 10.59 3.74 -18.77
CA SER A 95 11.39 4.67 -17.97
C SER A 95 11.18 6.14 -18.28
N LEU A 96 11.59 6.96 -17.32
CA LEU A 96 11.49 8.39 -17.44
C LEU A 96 12.49 9.00 -16.51
N PRO A 97 13.06 10.17 -16.88
CA PRO A 97 13.79 10.95 -15.90
C PRO A 97 12.85 11.27 -14.74
N TYR A 98 13.37 11.26 -13.51
CA TYR A 98 12.49 11.41 -12.38
C TYR A 98 13.25 11.92 -11.18
N LYS A 99 12.53 12.72 -10.39
CA LYS A 99 13.01 13.28 -9.14
C LYS A 99 12.56 12.41 -7.97
N PHE A 100 13.51 12.13 -7.08
CA PHE A 100 13.33 11.23 -5.98
C PHE A 100 14.24 11.67 -4.80
N ILE A 101 14.03 11.04 -3.66
CA ILE A 101 14.80 11.36 -2.48
C ILE A 101 15.88 10.31 -2.32
N GLU A 102 17.10 10.83 -2.18
CA GLU A 102 18.23 10.03 -1.86
C GLU A 102 18.37 10.07 -0.35
N VAL A 103 18.10 8.94 0.32
CA VAL A 103 17.99 8.88 1.79
C VAL A 103 19.35 8.63 2.45
N ILE A 104 19.72 9.50 3.38
CA ILE A 104 20.96 9.34 4.15
C ILE A 104 20.78 8.95 5.65
N ASP A 105 19.55 8.99 6.16
CA ASP A 105 19.27 8.68 7.56
C ASP A 105 17.91 7.99 7.69
N THR A 106 17.96 6.76 8.19
CA THR A 106 16.82 5.92 8.34
C THR A 106 16.58 5.61 9.82
N ASN A 107 17.33 6.24 10.73
CA ASN A 107 17.15 5.90 12.17
C ASN A 107 15.75 6.21 12.72
N GLY A 108 15.09 7.22 12.16
CA GLY A 108 13.72 7.54 12.50
C GLY A 108 12.69 6.65 11.86
N PHE A 109 13.11 5.58 11.16
CA PHE A 109 12.16 4.67 10.49
C PHE A 109 12.37 3.27 11.02
N GLU A 110 12.80 3.20 12.28
CA GLU A 110 13.04 1.94 12.95
C GLU A 110 11.89 1.75 13.95
N PRO A 111 11.44 0.52 14.18
CA PRO A 111 12.08 -0.71 13.70
C PRO A 111 11.62 -1.22 12.32
N THR A 112 10.61 -0.60 11.69
CA THR A 112 10.12 -1.00 10.35
C THR A 112 11.29 -1.34 9.35
N TYR A 113 12.22 -0.39 9.16
CA TYR A 113 13.25 -0.51 8.11
C TYR A 113 14.14 -1.76 8.19
N THR A 114 14.78 -1.93 9.34
CA THR A 114 15.69 -3.07 9.57
C THR A 114 14.94 -4.42 9.68
N ALA A 115 13.66 -4.39 10.04
CA ALA A 115 12.85 -5.61 10.16
C ALA A 115 12.36 -6.18 8.82
N SER A 116 12.29 -5.37 7.78
CA SER A 116 11.76 -5.82 6.50
C SER A 116 12.86 -5.85 5.42
N THR A 117 12.54 -6.43 4.28
CA THR A 117 13.54 -6.59 3.23
C THR A 117 13.44 -5.61 2.06
N PHE A 118 12.58 -4.60 2.15
CA PHE A 118 12.51 -3.54 1.14
C PHE A 118 13.67 -2.55 1.31
N ASP A 119 14.05 -1.93 0.21
CA ASP A 119 15.07 -0.87 0.21
C ASP A 119 14.46 0.51 0.36
N GLY A 120 13.35 0.74 -0.36
CA GLY A 120 12.73 2.06 -0.45
C GLY A 120 11.24 1.99 -0.64
N ILE A 121 10.63 3.17 -0.86
CA ILE A 121 9.19 3.27 -1.07
C ILE A 121 8.97 3.97 -2.38
N LEU A 122 8.04 3.44 -3.17
CA LEU A 122 7.66 4.08 -4.42
C LEU A 122 6.19 4.49 -4.25
N GLY A 123 5.98 5.80 -4.11
CA GLY A 123 4.64 6.36 -4.00
C GLY A 123 3.81 6.24 -5.28
N LEU A 124 2.51 5.95 -5.11
CA LEU A 124 1.56 5.95 -6.23
C LEU A 124 0.31 6.77 -5.95
N GLY A 125 0.49 7.88 -5.24
CA GLY A 125 -0.56 8.81 -4.93
C GLY A 125 -0.65 9.96 -5.94
N TRP A 126 -1.32 11.01 -5.49
CA TRP A 126 -1.62 12.19 -6.28
C TRP A 126 -0.55 13.25 -6.01
N LYS A 127 -0.32 14.07 -7.02
CA LYS A 127 0.71 15.09 -7.03
C LYS A 127 0.72 15.99 -5.79
N ASP A 128 -0.44 16.47 -5.38
CA ASP A 128 -0.53 17.40 -4.24
C ASP A 128 -0.26 16.76 -2.88
N LEU A 129 -0.19 15.44 -2.84
CA LEU A 129 0.33 14.70 -1.67
C LEU A 129 1.90 14.61 -1.63
N SER A 130 2.59 14.96 -2.73
CA SER A 130 4.04 14.80 -2.80
C SER A 130 4.75 15.97 -2.13
N ILE A 131 5.93 15.71 -1.54
CA ILE A 131 6.86 16.76 -1.16
C ILE A 131 7.60 17.14 -2.43
N GLY A 132 7.77 18.44 -2.65
CA GLY A 132 8.53 18.91 -3.81
C GLY A 132 7.80 18.90 -5.14
N SER A 133 6.48 18.72 -5.14
CA SER A 133 5.65 18.84 -6.36
C SER A 133 6.05 17.88 -7.49
N VAL A 134 6.17 16.59 -7.20
CA VAL A 134 6.56 15.61 -8.22
C VAL A 134 5.29 15.01 -8.86
N ASP A 135 5.19 15.12 -10.17
CA ASP A 135 4.12 14.49 -10.94
C ASP A 135 4.22 12.99 -10.75
N PRO A 136 3.08 12.31 -10.52
CA PRO A 136 3.20 10.86 -10.34
C PRO A 136 3.73 10.18 -11.59
N ILE A 137 4.43 9.07 -11.34
CA ILE A 137 5.06 8.28 -12.40
C ILE A 137 4.07 7.90 -13.48
N VAL A 138 2.88 7.43 -13.10
CA VAL A 138 1.90 7.00 -14.08
C VAL A 138 1.34 8.17 -14.90
N VAL A 139 1.15 9.33 -14.27
CA VAL A 139 0.71 10.53 -14.97
C VAL A 139 1.77 10.99 -16.01
N GLU A 140 3.05 10.92 -15.63
CA GLU A 140 4.13 11.33 -16.53
C GLU A 140 4.26 10.40 -17.69
N LEU A 141 4.22 9.10 -17.39
CA LEU A 141 4.26 8.06 -18.41
C LEU A 141 3.16 8.24 -19.46
N LYS A 142 1.93 8.47 -19.00
CA LYS A 142 0.81 8.77 -19.88
C LYS A 142 1.09 10.01 -20.72
N ASN A 143 1.46 11.09 -20.05
CA ASN A 143 1.76 12.34 -20.75
C ASN A 143 2.81 12.21 -21.84
N GLN A 144 3.82 11.38 -21.59
CA GLN A 144 4.86 11.06 -22.57
C GLN A 144 4.43 10.01 -23.60
N ASN A 145 3.16 9.63 -23.60
CA ASN A 145 2.58 8.70 -24.57
C ASN A 145 3.24 7.32 -24.52
N LYS A 146 3.75 6.95 -23.36
CA LYS A 146 4.40 5.65 -23.17
C LYS A 146 3.39 4.57 -22.74
N ILE A 147 2.23 5.04 -22.24
CA ILE A 147 1.14 4.16 -21.89
C ILE A 147 -0.13 4.75 -22.47
N GLU A 148 -1.14 3.85 -22.53
CA GLU A 148 -2.45 4.23 -23.06
C GLU A 148 -3.29 5.07 -22.08
N ASN A 149 -3.28 4.71 -20.80
CA ASN A 149 -4.12 5.39 -19.81
C ASN A 149 -3.33 5.79 -18.60
N ALA A 150 -3.69 6.92 -18.01
CA ALA A 150 -3.14 7.28 -16.70
C ALA A 150 -3.87 6.48 -15.60
N LEU A 151 -3.55 5.20 -15.52
CA LEU A 151 -4.10 4.28 -14.53
C LEU A 151 -3.13 3.15 -14.23
N PHE A 152 -3.31 2.54 -13.06
CA PHE A 152 -2.61 1.34 -12.66
C PHE A 152 -3.52 0.44 -11.83
N THR A 153 -3.14 -0.83 -11.72
CA THR A 153 -4.00 -1.86 -11.13
C THR A 153 -3.15 -2.74 -10.23
N PHE A 154 -3.80 -3.24 -9.18
CA PHE A 154 -3.17 -4.14 -8.21
C PHE A 154 -3.89 -5.48 -8.18
N TYR A 155 -3.13 -6.53 -8.51
CA TYR A 155 -3.54 -7.90 -8.37
C TYR A 155 -2.54 -8.42 -7.34
N LEU A 156 -2.97 -8.54 -6.07
CA LEU A 156 -2.01 -8.82 -5.01
C LEU A 156 -1.64 -10.30 -4.94
N PRO A 157 -0.36 -10.59 -4.58
CA PRO A 157 0.04 -11.97 -4.34
C PRO A 157 -0.75 -12.61 -3.17
N VAL A 158 -0.83 -13.92 -3.15
CA VAL A 158 -1.46 -14.63 -2.05
C VAL A 158 -0.47 -15.67 -1.59
N HIS A 159 0.03 -15.51 -0.36
CA HIS A 159 1.04 -16.36 0.27
C HIS A 159 0.76 -17.86 0.05
N ASP A 160 1.76 -18.57 -0.46
CA ASP A 160 1.70 -20.00 -0.78
C ASP A 160 0.62 -20.37 -1.84
N LYS A 161 0.37 -19.47 -2.80
CA LYS A 161 -0.67 -19.72 -3.82
C LYS A 161 -0.42 -19.11 -5.21
N HIS A 162 -0.04 -17.83 -5.29
CA HIS A 162 0.36 -17.17 -6.55
C HIS A 162 1.07 -15.82 -6.29
N THR A 163 1.79 -15.33 -7.29
CA THR A 163 2.37 -13.97 -7.25
C THR A 163 1.34 -12.93 -7.68
N GLY A 164 1.70 -11.67 -7.54
CA GLY A 164 0.82 -10.59 -7.91
C GLY A 164 1.44 -9.78 -9.03
N PHE A 165 0.72 -8.76 -9.47
CA PHE A 165 1.21 -7.84 -10.47
C PHE A 165 0.70 -6.45 -10.21
N LEU A 166 1.60 -5.49 -10.26
CA LEU A 166 1.27 -4.09 -10.51
C LEU A 166 1.27 -3.88 -12.04
N THR A 167 0.13 -3.50 -12.60
CA THR A 167 0.01 -3.22 -14.04
C THR A 167 -0.20 -1.73 -14.25
N ILE A 168 0.62 -1.14 -15.12
CA ILE A 168 0.60 0.28 -15.47
C ILE A 168 0.03 0.52 -16.88
N GLY A 169 -0.94 1.43 -16.96
CA GLY A 169 -1.50 1.86 -18.23
C GLY A 169 -2.77 1.17 -18.74
N GLY A 170 -3.20 0.08 -18.11
CA GLY A 170 -4.42 -0.59 -18.52
C GLY A 170 -4.85 -1.81 -17.73
N ILE A 171 -6.12 -2.17 -17.92
CA ILE A 171 -6.87 -3.16 -17.16
C ILE A 171 -6.91 -4.50 -17.88
N GLU A 172 -6.71 -5.62 -17.18
CA GLU A 172 -6.70 -6.96 -17.79
C GLU A 172 -7.69 -7.89 -17.07
N GLU A 173 -8.69 -8.38 -17.81
CA GLU A 173 -9.75 -9.28 -17.32
C GLU A 173 -9.20 -10.53 -16.62
N ARG A 174 -8.00 -10.99 -17.00
CA ARG A 174 -7.36 -12.17 -16.39
C ARG A 174 -7.20 -12.06 -14.84
N PHE A 175 -7.07 -10.83 -14.35
CA PHE A 175 -6.85 -10.58 -12.91
C PHE A 175 -8.07 -10.69 -12.02
N TYR A 176 -9.27 -10.65 -12.59
CA TYR A 176 -10.49 -10.63 -11.78
C TYR A 176 -11.64 -11.38 -12.40
N GLU A 177 -12.66 -11.65 -11.58
CA GLU A 177 -13.87 -12.31 -12.02
C GLU A 177 -15.05 -11.52 -11.51
N GLY A 178 -16.16 -11.58 -12.24
CA GLY A 178 -17.33 -10.76 -11.95
C GLY A 178 -17.17 -9.35 -12.50
N PRO A 179 -18.15 -8.48 -12.15
CA PRO A 179 -18.15 -7.09 -12.59
C PRO A 179 -17.10 -6.23 -11.86
N LEU A 180 -16.56 -5.26 -12.61
CA LEU A 180 -15.67 -4.24 -12.11
C LEU A 180 -16.52 -2.99 -11.88
N THR A 181 -16.49 -2.45 -10.66
CA THR A 181 -17.35 -1.34 -10.25
C THR A 181 -16.50 -0.12 -9.91
N TYR A 182 -16.78 1.00 -10.56
CA TYR A 182 -16.02 2.21 -10.36
C TYR A 182 -16.69 3.07 -9.29
N GLU A 183 -15.89 3.55 -8.34
CA GLU A 183 -16.35 4.41 -7.27
C GLU A 183 -15.59 5.72 -7.42
N LYS A 184 -16.31 6.84 -7.51
CA LYS A 184 -15.69 8.14 -7.66
C LYS A 184 -14.90 8.57 -6.40
N LEU A 185 -13.75 9.20 -6.60
CA LEU A 185 -13.00 9.77 -5.49
C LEU A 185 -13.78 10.88 -4.82
N ASN A 186 -13.74 10.96 -3.49
CA ASN A 186 -14.42 12.02 -2.77
C ASN A 186 -13.45 13.06 -2.28
N HIS A 187 -12.21 12.95 -2.74
CA HIS A 187 -11.12 13.78 -2.27
C HIS A 187 -10.25 14.13 -3.49
N ASP A 188 -9.65 15.32 -3.47
CA ASP A 188 -8.74 15.76 -4.56
C ASP A 188 -7.46 14.92 -4.65
N LEU A 189 -6.87 14.65 -3.50
CA LEU A 189 -5.54 14.05 -3.42
C LEU A 189 -5.32 12.73 -2.61
N TYR A 190 -6.38 11.99 -2.26
CA TYR A 190 -6.29 10.65 -1.69
C TYR A 190 -7.08 9.72 -2.56
N TRP A 191 -6.66 8.46 -2.65
CA TRP A 191 -7.49 7.41 -3.21
C TRP A 191 -8.59 7.03 -2.20
N GLN A 192 -9.52 7.93 -2.00
CA GLN A 192 -10.54 7.83 -1.00
C GLN A 192 -11.92 7.90 -1.64
N ILE A 193 -12.81 7.01 -1.22
CA ILE A 193 -14.17 6.91 -1.73
C ILE A 193 -15.18 6.86 -0.59
N THR A 194 -16.45 7.11 -0.92
CA THR A 194 -17.54 7.09 0.06
C THR A 194 -18.26 5.73 0.06
N LEU A 195 -18.28 5.07 1.21
CA LEU A 195 -18.98 3.78 1.36
C LEU A 195 -19.68 3.75 2.71
N ASP A 196 -20.88 3.18 2.74
CA ASP A 196 -21.53 2.83 4.00
C ASP A 196 -20.78 1.61 4.53
N ALA A 197 -20.39 1.67 5.80
CA ALA A 197 -19.68 0.58 6.48
C ALA A 197 -20.59 -0.14 7.50
N HIS A 198 -20.71 -1.45 7.36
CA HIS A 198 -21.52 -2.31 8.27
C HIS A 198 -20.64 -3.41 8.83
N VAL A 199 -20.65 -3.55 10.15
CA VAL A 199 -20.07 -4.71 10.82
C VAL A 199 -21.13 -5.12 11.84
N GLY A 200 -21.89 -6.15 11.49
CA GLY A 200 -22.97 -6.65 12.33
C GLY A 200 -24.07 -5.63 12.35
N ASN A 201 -24.43 -5.19 13.55
CA ASN A 201 -25.39 -4.12 13.74
C ASN A 201 -24.75 -2.75 13.84
N ILE A 202 -23.42 -2.70 13.85
CA ILE A 202 -22.72 -1.44 13.96
C ILE A 202 -22.62 -0.92 12.51
N MET A 203 -22.99 0.35 12.32
CA MET A 203 -23.05 0.92 11.00
C MET A 203 -22.53 2.36 10.99
N LEU A 204 -21.82 2.71 9.93
CA LEU A 204 -21.37 4.07 9.73
C LEU A 204 -21.65 4.50 8.29
N GLU A 205 -22.62 5.38 8.16
CA GLU A 205 -23.11 5.84 6.86
C GLU A 205 -22.13 6.79 6.16
N LYS A 206 -21.90 6.57 4.86
CA LYS A 206 -21.07 7.44 4.02
C LYS A 206 -19.70 7.66 4.65
N ALA A 207 -19.03 6.57 5.00
CA ALA A 207 -17.72 6.65 5.62
C ALA A 207 -16.69 6.98 4.54
N ASN A 208 -15.63 7.69 4.88
CA ASN A 208 -14.44 7.78 4.01
C ASN A 208 -13.68 6.47 4.05
N CYS A 209 -13.39 5.89 2.89
CA CYS A 209 -12.62 4.67 2.80
C CYS A 209 -11.47 4.91 1.85
N ILE A 210 -10.27 4.75 2.37
CA ILE A 210 -9.04 4.98 1.65
C ILE A 210 -8.52 3.63 1.22
N VAL A 211 -8.39 3.42 -0.10
CA VAL A 211 -7.87 2.18 -0.60
C VAL A 211 -6.36 2.40 -0.59
N ASP A 212 -5.66 1.59 0.17
CA ASP A 212 -4.26 1.82 0.44
CA ASP A 212 -4.27 1.83 0.45
C ASP A 212 -3.41 0.56 0.40
N SER A 213 -2.48 0.51 -0.55
CA SER A 213 -1.60 -0.62 -0.72
C SER A 213 -0.50 -0.78 0.33
N GLY A 214 -0.15 0.30 1.00
CA GLY A 214 0.99 0.29 1.96
C GLY A 214 0.64 0.00 3.38
N THR A 215 -0.63 -0.11 3.70
CA THR A 215 -1.08 -0.40 5.05
C THR A 215 -1.51 -1.88 5.14
N SER A 216 -0.93 -2.61 6.10
N SER A 216 -0.95 -2.64 6.10
CA SER A 216 -1.20 -4.04 6.29
CA SER A 216 -1.23 -4.07 6.18
C SER A 216 -2.25 -4.31 7.32
C SER A 216 -2.44 -4.45 7.01
N ALA A 217 -3.30 -3.50 7.35
CA ALA A 217 -4.48 -3.74 8.19
C ALA A 217 -5.68 -3.10 7.54
N ILE A 218 -6.85 -3.41 8.06
CA ILE A 218 -8.01 -2.56 7.94
C ILE A 218 -7.92 -1.62 9.14
N THR A 219 -7.97 -0.31 8.95
CA THR A 219 -8.15 0.58 10.09
C THR A 219 -9.61 1.03 10.22
N VAL A 220 -10.03 1.21 11.46
CA VAL A 220 -11.43 1.39 11.83
C VAL A 220 -11.49 2.54 12.87
N PRO A 221 -12.50 3.41 12.80
CA PRO A 221 -12.64 4.46 13.86
C PRO A 221 -12.69 3.78 15.24
N THR A 222 -12.07 4.39 16.25
CA THR A 222 -11.84 3.71 17.52
C THR A 222 -13.17 3.42 18.23
N ASP A 223 -14.15 4.32 18.15
CA ASP A 223 -15.48 4.04 18.75
C ASP A 223 -16.20 2.84 18.10
N PHE A 224 -16.11 2.75 16.78
CA PHE A 224 -16.65 1.66 15.99
C PHE A 224 -15.96 0.33 16.36
N LEU A 225 -14.62 0.36 16.49
CA LEU A 225 -13.87 -0.82 16.92
C LEU A 225 -14.28 -1.28 18.32
N ASN A 226 -14.41 -0.33 19.25
CA ASN A 226 -14.73 -0.68 20.61
C ASN A 226 -16.10 -1.37 20.67
N LYS A 227 -17.03 -0.88 19.85
CA LYS A 227 -18.32 -1.55 19.72
C LYS A 227 -18.18 -2.92 19.10
N MET A 228 -17.38 -3.04 18.05
CA MET A 228 -17.17 -4.36 17.43
C MET A 228 -16.63 -5.38 18.39
N LEU A 229 -15.73 -4.96 19.28
CA LEU A 229 -15.03 -5.91 20.12
C LEU A 229 -15.75 -6.28 21.39
N GLN A 230 -16.89 -5.64 21.64
CA GLN A 230 -17.57 -5.86 22.87
C GLN A 230 -18.13 -7.31 22.83
N ASN A 231 -17.76 -8.10 23.82
CA ASN A 231 -18.17 -9.50 23.94
C ASN A 231 -17.76 -10.42 22.73
N LEU A 232 -16.64 -10.07 22.08
CA LEU A 232 -16.16 -10.81 20.92
C LEU A 232 -15.16 -11.95 21.30
N ASP A 233 -14.77 -12.03 22.58
CA ASP A 233 -13.82 -13.02 23.05
C ASP A 233 -12.43 -12.89 22.40
N VAL A 234 -12.03 -11.66 22.24
CA VAL A 234 -10.75 -11.29 21.68
C VAL A 234 -9.95 -10.63 22.83
N ILE A 235 -8.62 -10.67 22.79
CA ILE A 235 -7.79 -10.12 23.85
C ILE A 235 -6.69 -9.27 23.24
N LYS A 236 -6.50 -8.10 23.82
CA LYS A 236 -5.53 -7.15 23.33
C LYS A 236 -4.14 -7.50 23.84
N VAL A 237 -3.15 -7.38 22.96
CA VAL A 237 -1.77 -7.63 23.31
C VAL A 237 -1.27 -6.50 24.24
N PRO A 238 -0.61 -6.83 25.36
CA PRO A 238 -0.07 -5.78 26.21
C PRO A 238 0.84 -4.79 25.45
N PHE A 239 0.59 -3.49 25.62
CA PHE A 239 1.38 -2.39 25.02
C PHE A 239 1.24 -2.14 23.55
N LEU A 240 0.46 -2.95 22.86
CA LEU A 240 0.33 -2.83 21.41
C LEU A 240 -1.13 -2.85 20.98
N PRO A 241 -1.45 -2.15 19.90
CA PRO A 241 -2.85 -1.99 19.48
C PRO A 241 -3.39 -3.15 18.63
N PHE A 242 -3.01 -4.36 18.98
CA PHE A 242 -3.34 -5.58 18.26
C PHE A 242 -4.16 -6.50 19.13
N TYR A 243 -5.10 -7.18 18.53
CA TYR A 243 -5.95 -8.13 19.23
C TYR A 243 -5.72 -9.55 18.74
N VAL A 244 -5.86 -10.48 19.67
CA VAL A 244 -5.60 -11.86 19.43
C VAL A 244 -6.89 -12.58 19.68
N THR A 245 -7.08 -13.69 18.97
CA THR A 245 -8.33 -14.43 19.00
C THR A 245 -8.04 -15.88 18.67
N LEU A 246 -8.89 -16.80 19.12
CA LEU A 246 -8.95 -18.11 18.47
C LEU A 246 -9.30 -17.92 16.96
N CYS A 247 -8.58 -18.60 16.07
CA CYS A 247 -8.80 -18.52 14.61
C CYS A 247 -10.22 -18.90 14.22
N ASN A 248 -10.81 -19.86 14.92
CA ASN A 248 -12.16 -20.25 14.56
CA ASN A 248 -12.16 -20.32 14.62
C ASN A 248 -13.22 -19.65 15.50
N ASN A 249 -12.90 -18.52 16.13
CA ASN A 249 -13.89 -17.73 16.89
C ASN A 249 -15.10 -17.42 16.01
N SER A 250 -16.25 -18.02 16.33
CA SER A 250 -17.49 -17.92 15.56
C SER A 250 -18.12 -16.53 15.57
N LYS A 251 -17.72 -15.66 16.48
CA LYS A 251 -18.29 -14.30 16.51
C LYS A 251 -17.60 -13.32 15.56
N LEU A 252 -16.42 -13.67 15.03
CA LEU A 252 -15.69 -12.71 14.19
C LEU A 252 -16.58 -12.23 13.02
N PRO A 253 -16.81 -10.91 12.92
CA PRO A 253 -17.77 -10.43 11.96
C PRO A 253 -17.22 -10.29 10.51
N THR A 254 -18.13 -10.09 9.55
CA THR A 254 -17.77 -9.79 8.18
C THR A 254 -17.99 -8.30 7.96
N PHE A 255 -16.99 -7.59 7.43
CA PHE A 255 -17.14 -6.20 7.03
C PHE A 255 -17.95 -6.17 5.75
N GLU A 256 -18.92 -5.27 5.68
CA GLU A 256 -19.67 -5.02 4.44
C GLU A 256 -19.62 -3.53 4.14
N PHE A 257 -19.13 -3.22 2.96
CA PHE A 257 -19.07 -1.87 2.48
C PHE A 257 -19.96 -1.78 1.26
N THR A 258 -20.80 -0.74 1.20
CA THR A 258 -21.72 -0.56 0.07
C THR A 258 -21.76 0.88 -0.49
N SER A 259 -21.93 0.97 -1.79
CA SER A 259 -22.17 2.21 -2.48
C SER A 259 -23.50 2.07 -3.18
N GLU A 260 -23.85 3.09 -3.96
CA GLU A 260 -24.94 3.01 -4.95
C GLU A 260 -24.60 1.91 -5.95
N ASN A 261 -23.33 1.85 -6.30
CA ASN A 261 -22.87 1.01 -7.39
C ASN A 261 -22.69 -0.44 -7.00
N GLY A 262 -22.25 -0.70 -5.76
CA GLY A 262 -21.70 -2.01 -5.43
C GLY A 262 -21.67 -2.40 -3.98
N LYS A 263 -21.03 -3.55 -3.73
CA LYS A 263 -21.04 -4.20 -2.43
C LYS A 263 -19.80 -5.05 -2.29
N TYR A 264 -19.03 -4.76 -1.24
CA TYR A 264 -17.73 -5.35 -1.03
C TYR A 264 -17.70 -5.89 0.38
N THR A 265 -17.35 -7.17 0.55
CA THR A 265 -17.34 -7.76 1.89
C THR A 265 -15.97 -8.29 2.27
N LEU A 266 -15.69 -8.31 3.56
CA LEU A 266 -14.41 -8.81 3.99
C LEU A 266 -14.55 -9.73 5.20
N GLU A 267 -14.42 -11.02 4.91
CA GLU A 267 -14.72 -12.08 5.84
C GLU A 267 -13.48 -12.32 6.68
N PRO A 268 -13.65 -13.00 7.84
CA PRO A 268 -12.53 -13.16 8.78
C PRO A 268 -11.29 -13.77 8.18
N GLU A 269 -11.47 -14.72 7.27
CA GLU A 269 -10.35 -15.36 6.58
C GLU A 269 -9.36 -14.36 5.94
N TYR A 270 -9.86 -13.20 5.53
CA TYR A 270 -8.99 -12.17 4.91
C TYR A 270 -8.34 -11.23 5.89
N TYR A 271 -8.92 -11.08 7.09
CA TYR A 271 -8.27 -10.19 8.06
C TYR A 271 -7.55 -10.87 9.27
N LEU A 272 -7.53 -12.20 9.30
CA LEU A 272 -6.83 -12.95 10.32
C LEU A 272 -5.42 -13.28 9.87
N GLN A 273 -4.50 -13.31 10.81
CA GLN A 273 -3.12 -13.64 10.58
C GLN A 273 -2.79 -14.78 11.55
N HIS A 274 -2.46 -15.96 11.05
CA HIS A 274 -2.14 -17.08 11.94
C HIS A 274 -0.87 -16.79 12.72
N ILE A 275 -0.87 -17.11 14.00
CA ILE A 275 0.31 -16.92 14.86
C ILE A 275 0.52 -18.19 15.68
N GLU A 276 0.47 -19.34 14.99
CA GLU A 276 0.63 -20.69 15.58
C GLU A 276 1.84 -20.81 16.53
N ASP A 277 2.92 -20.14 16.15
CA ASP A 277 4.09 -19.86 17.02
C ASP A 277 3.79 -19.32 18.44
N VAL A 278 2.94 -18.29 18.54
CA VAL A 278 2.57 -17.70 19.85
C VAL A 278 1.74 -18.70 20.66
N GLY A 279 0.86 -19.42 19.98
CA GLY A 279 0.14 -20.52 20.59
C GLY A 279 -0.74 -21.20 19.55
N PRO A 280 -1.20 -22.42 19.84
CA PRO A 280 -1.92 -23.21 18.85
C PRO A 280 -3.39 -22.76 18.69
N GLY A 281 -3.86 -22.67 17.44
CA GLY A 281 -5.16 -22.12 17.10
C GLY A 281 -5.37 -20.62 17.36
N LEU A 282 -4.29 -19.83 17.40
CA LEU A 282 -4.38 -18.39 17.66
C LEU A 282 -4.10 -17.57 16.43
N CYS A 283 -4.85 -16.48 16.27
CA CYS A 283 -4.65 -15.55 15.16
C CYS A 283 -4.59 -14.12 15.70
N MET A 284 -3.92 -13.25 14.97
CA MET A 284 -4.00 -11.82 15.19
C MET A 284 -5.00 -11.25 14.20
N LEU A 285 -5.77 -10.26 14.63
CA LEU A 285 -6.62 -9.52 13.71
C LEU A 285 -5.79 -8.46 13.03
N ASN A 286 -5.89 -8.36 11.71
CA ASN A 286 -5.28 -7.28 10.97
C ASN A 286 -6.22 -6.07 10.93
N ILE A 287 -6.51 -5.54 12.11
CA ILE A 287 -7.50 -4.50 12.31
C ILE A 287 -6.90 -3.61 13.38
N ILE A 288 -6.83 -2.29 13.09
CA ILE A 288 -6.40 -1.35 14.11
CA ILE A 288 -6.28 -1.25 13.99
C ILE A 288 -7.32 -0.14 14.17
N GLY A 289 -7.50 0.35 15.40
CA GLY A 289 -8.32 1.49 15.68
C GLY A 289 -7.54 2.75 15.33
N LEU A 290 -8.18 3.67 14.60
CA LEU A 290 -7.56 4.90 14.14
C LEU A 290 -8.60 5.92 13.81
N ASP A 291 -8.48 7.09 14.45
CA ASP A 291 -9.40 8.19 14.27
C ASP A 291 -8.78 9.27 13.40
N PHE A 292 -9.42 9.47 12.25
CA PHE A 292 -9.24 10.64 11.44
C PHE A 292 -10.23 11.68 11.93
N PRO A 293 -9.98 12.96 11.61
CA PRO A 293 -10.96 14.00 11.95
C PRO A 293 -12.37 13.70 11.42
N VAL A 294 -12.46 13.16 10.22
CA VAL A 294 -13.73 12.65 9.71
C VAL A 294 -13.68 11.12 9.73
N PRO A 295 -14.79 10.44 10.10
CA PRO A 295 -14.75 8.98 10.21
C PRO A 295 -14.29 8.27 8.94
N THR A 296 -13.20 7.52 9.07
CA THR A 296 -12.47 6.96 7.94
C THR A 296 -12.04 5.55 8.25
N PHE A 297 -12.13 4.69 7.26
CA PHE A 297 -11.52 3.36 7.28
C PHE A 297 -10.40 3.36 6.24
N ILE A 298 -9.29 2.69 6.55
CA ILE A 298 -8.31 2.36 5.55
C ILE A 298 -8.51 0.91 5.14
N LEU A 299 -8.74 0.71 3.85
CA LEU A 299 -8.95 -0.59 3.25
C LEU A 299 -7.61 -0.96 2.67
N GLY A 300 -6.79 -1.51 3.55
CA GLY A 300 -5.43 -1.87 3.27
C GLY A 300 -5.28 -3.20 2.58
N ASP A 301 -4.06 -3.71 2.69
N ASP A 301 -4.07 -3.75 2.69
CA ASP A 301 -3.64 -5.04 2.23
CA ASP A 301 -3.73 -5.07 2.11
C ASP A 301 -4.72 -6.13 2.33
C ASP A 301 -4.83 -6.12 2.28
N PRO A 302 -5.38 -6.30 3.50
CA PRO A 302 -6.41 -7.35 3.59
C PRO A 302 -7.58 -7.20 2.62
N PHE A 303 -7.98 -5.94 2.34
CA PHE A 303 -9.02 -5.69 1.35
C PHE A 303 -8.52 -5.98 -0.07
N MET A 304 -7.31 -5.50 -0.38
CA MET A 304 -6.73 -5.63 -1.70
C MET A 304 -6.27 -7.07 -2.01
N ARG A 305 -6.06 -7.91 -1.00
CA ARG A 305 -5.81 -9.35 -1.27
C ARG A 305 -7.03 -10.01 -1.86
N LYS A 306 -8.22 -9.60 -1.44
CA LYS A 306 -9.47 -10.17 -1.94
C LYS A 306 -9.89 -9.48 -3.21
N TYR A 307 -9.75 -8.15 -3.24
CA TYR A 307 -10.25 -7.36 -4.37
C TYR A 307 -9.15 -6.73 -5.22
N PHE A 308 -9.21 -7.08 -6.51
CA PHE A 308 -8.48 -6.42 -7.56
C PHE A 308 -8.94 -4.96 -7.65
N THR A 309 -7.96 -4.08 -7.82
CA THR A 309 -8.20 -2.65 -7.71
C THR A 309 -7.56 -1.91 -8.84
N VAL A 310 -8.29 -0.92 -9.33
CA VAL A 310 -7.89 -0.08 -10.45
C VAL A 310 -7.81 1.36 -9.95
N PHE A 311 -6.65 1.97 -10.07
CA PHE A 311 -6.47 3.36 -9.63
C PHE A 311 -6.41 4.25 -10.87
N ASP A 312 -7.47 5.01 -11.10
CA ASP A 312 -7.65 5.73 -12.36
C ASP A 312 -7.57 7.23 -12.14
N TYR A 313 -6.39 7.78 -12.46
CA TYR A 313 -6.17 9.24 -12.38
C TYR A 313 -7.07 10.03 -13.36
N ASP A 314 -7.22 9.55 -14.60
CA ASP A 314 -7.97 10.29 -15.61
C ASP A 314 -9.44 10.48 -15.22
N ASN A 315 -10.05 9.40 -14.74
CA ASN A 315 -11.44 9.41 -14.29
C ASN A 315 -11.62 9.62 -12.78
N GLN A 316 -10.54 9.89 -12.06
CA GLN A 316 -10.62 10.22 -10.63
C GLN A 316 -11.53 9.23 -9.90
N SER A 317 -11.22 7.94 -10.04
CA SER A 317 -12.03 6.89 -9.46
C SER A 317 -11.18 5.66 -9.12
N VAL A 318 -11.78 4.77 -8.33
CA VAL A 318 -11.16 3.50 -7.99
C VAL A 318 -12.10 2.39 -8.46
N GLY A 319 -11.60 1.54 -9.34
CA GLY A 319 -12.35 0.38 -9.80
C GLY A 319 -12.09 -0.77 -8.87
N ILE A 320 -13.14 -1.51 -8.52
CA ILE A 320 -13.03 -2.63 -7.58
C ILE A 320 -13.72 -3.87 -8.15
N ALA A 321 -13.01 -5.00 -8.17
CA ALA A 321 -13.57 -6.26 -8.59
C ALA A 321 -12.92 -7.37 -7.81
N LEU A 322 -13.65 -8.47 -7.66
CA LEU A 322 -13.15 -9.66 -6.98
C LEU A 322 -11.96 -10.22 -7.77
N ALA A 323 -10.83 -10.30 -7.08
CA ALA A 323 -9.61 -10.83 -7.65
C ALA A 323 -9.75 -12.32 -7.99
N LYS A 324 -9.16 -12.70 -9.12
CA LYS A 324 -9.14 -14.09 -9.53
C LYS A 324 -8.29 -14.86 -8.52
N LYS A 325 -8.84 -15.97 -8.02
CA LYS A 325 -8.22 -16.78 -6.98
C LYS A 325 -6.90 -17.39 -7.41
N ASN A 326 -6.75 -17.62 -8.72
CA ASN A 326 -5.47 -18.02 -9.28
C ASN A 326 -5.42 -17.68 -10.76
N LEU A 327 -4.22 -17.50 -11.28
CA LEU A 327 -4.04 -17.15 -12.69
C LEU A 327 -3.97 -18.39 -13.59
C1 CPS B . 3.42 0.07 12.53
C2 CPS B . 2.45 0.12 13.73
C3 CPS B . 1.51 2.40 12.89
C4 CPS B . 0.92 3.78 13.23
C5 CPS B . -0.10 3.70 14.38
C6 CPS B . 0.57 2.99 15.56
C7 CPS B . -0.39 3.18 16.72
C8 CPS B . -1.00 4.55 16.47
C9 CPS B . -0.53 5.01 15.07
C10 CPS B . -1.34 2.98 13.84
C11 CPS B . 1.27 -0.76 13.33
C12 CPS B . 4.77 0.75 12.79
C13 CPS B . 5.49 0.16 14.00
C14 CPS B . 4.55 0.12 15.22
C15 CPS B . 3.15 -0.48 14.95
C16 CPS B . 2.29 -0.43 16.23
C17 CPS B . 1.70 0.94 16.54
C18 CPS B . 1.04 1.57 15.30
C19 CPS B . 2.01 1.56 14.09
C20 CPS B . -1.57 5.92 14.41
C21 CPS B . -1.09 6.45 13.06
C22 CPS B . -2.03 7.10 15.28
C23 CPS B . -0.89 8.04 15.70
C24 CPS B . -1.47 9.25 16.40
C25 CPS B . -1.47 11.66 16.67
C26 CPS B . -0.79 11.76 18.05
C27 CPS B . 0.30 12.84 18.14
C28 CPS B . 2.27 11.66 18.85
C29 CPS B . 1.79 11.65 16.53
C30 CPS B . 2.53 13.71 17.68
C31 CPS B . 2.66 14.44 16.32
C32 CPS B . 1.39 15.02 15.68
N1 CPS B . -1.10 10.44 15.97
N2 CPS B . 1.69 12.47 17.76
O1 CPS B . -2.21 9.10 17.35
O2 CPS B . 6.65 0.94 14.30
O3 CPS B . 2.74 1.76 17.09
O4 CPS B . 2.00 4.65 13.54
O2S CPS B . 1.90 17.46 16.35
O3S CPS B . -0.34 16.90 15.67
O1S CPS B . 0.47 16.20 17.83
S CPS B . 0.85 16.42 16.41
C1 CPS C . -3.99 10.31 13.04
C2 CPS C . -3.98 11.06 11.70
C3 CPS C . -1.35 10.91 11.51
C4 CPS C . -0.02 11.61 11.10
C5 CPS C . -0.12 12.32 9.73
C6 CPS C . -1.33 13.23 9.79
C7 CPS C . -1.25 14.11 8.54
C8 CPS C . 0.26 14.35 8.40
C9 CPS C . 0.96 13.35 9.33
C10 CPS C . -0.20 11.23 8.64
C11 CPS C . -4.29 9.99 10.66
C12 CPS C . -3.89 11.24 14.25
C13 CPS C . -5.04 12.25 14.25
C14 CPS C . -5.12 13.02 12.94
C15 CPS C . -5.11 12.09 11.72
C16 CPS C . -5.18 12.95 10.44
C17 CPS C . -3.84 13.53 9.97
C18 CPS C . -2.68 12.53 10.06
C19 CPS C . -2.62 11.78 11.40
C20 CPS C . 2.23 12.85 8.65
C21 CPS C . 3.29 13.96 8.52
O2 CPS C . -4.82 13.20 15.30
O3 CPS C . -3.55 14.72 10.72
O4 CPS C . 0.37 12.51 12.15
C1 8VF D . -0.07 1.93 8.95
C2 8VF D . -1.34 2.01 9.53
C3 8VF D . -1.85 0.94 10.31
C4 8VF D . -1.19 -0.31 10.30
C5 8VF D . 0.18 -0.40 9.70
C6 8VF D . 0.69 0.67 9.08
C7 8VF D . 1.15 -1.59 9.73
C8 8VF D . 2.04 -1.12 8.59
C9 8VF D . 2.06 0.37 8.55
O10 8VF D . 1.52 -1.67 7.38
N11 8VF D . 2.35 0.82 7.19
C12 8VF D . 2.91 2.12 6.84
C13 8VF D . 3.92 4.65 5.35
N14 8VF D . 2.90 3.70 5.01
C15 8VF D . 3.21 2.37 5.42
C16 8VF D . 4.71 2.29 5.01
S17 8VF D . 5.38 3.83 5.51
O18 8VF D . 3.14 2.93 7.71
C19 8VF D . 5.43 1.10 5.72
C20 8VF D . 4.77 2.09 3.50
C21 8VF D . 1.68 3.96 4.31
C22 8VF D . 1.30 5.37 3.88
O23 8VF D . 0.93 3.04 4.09
C24 8VF D . 0.57 5.99 5.06
N25 8VF D . 0.69 7.41 4.96
O26 8VF D . 0.48 5.17 2.74
C27 8VF D . -0.92 5.64 5.09
C28 8VF D . -1.60 6.14 6.39
C29 8VF D . -2.12 7.43 6.47
C30 8VF D . -2.74 7.84 7.68
C31 8VF D . -2.83 6.97 8.76
C32 8VF D . -2.32 5.67 8.68
C33 8VF D . -1.70 5.25 7.48
C34 8VF D . 1.62 8.10 5.75
C35 8VF D . 1.66 9.64 5.56
O36 8VF D . 2.35 7.55 6.54
O37 8VF D . 0.88 9.88 4.42
C38 8VF D . 0.88 11.31 4.17
C39 8VF D . 0.94 14.09 3.77
C40 8VF D . 2.00 13.31 3.31
C41 8VF D . 1.99 11.93 3.49
C42 8VF D . -0.17 12.06 4.64
C43 8VF D . -0.15 13.46 4.44
C44 8VF D . 3.13 11.10 2.98
C45 8VF D . -1.36 11.40 5.36
N46 8VF D . 0.96 15.56 3.58
C47 8VF D . 0.36 16.39 4.55
C48 8VF D . -1.11 16.59 4.23
C49 8VF D . 1.56 16.17 2.42
C50 8VF D . 2.95 16.74 2.76
N51 8VF D . 3.31 17.77 1.77
NA NA E . -0.95 3.46 2.14
#